data_4APU
#
_entry.id   4APU
#
_cell.length_a   57.662
_cell.length_b   64.374
_cell.length_c   70.468
_cell.angle_alpha   90.00
_cell.angle_beta   96.33
_cell.angle_gamma   90.00
#
_symmetry.space_group_name_H-M   'P 1 21 1'
#
loop_
_entity.id
_entity.type
_entity.pdbx_description
1 polymer 'PROGESTERONE RECEPTOR'
2 non-polymer 2-CHLORO-N-[[4-(3,5-DIMETHYLISOXAZOL-4-YL)PHENYL]METHYL]-1,4-DIMETHYL-1H-PYRAZOLE-4-SULFONAMIDE
3 non-polymer 'SULFATE ION'
4 non-polymer (8S,11R,13S,14S,16S,17S)-17-cyclopropylcarbonyl-16-ethenyl-13-methyl-11-(4-pyridin-3-ylphenyl)-2,6,7,8,11,12,14,15,16,17-decahydro-1H-cyclopenta[a]phenanthren-3-one
5 water water
#
_entity_poly.entity_id   1
_entity_poly.type   'polypeptide(L)'
_entity_poly.pdbx_seq_one_letter_code
;GSHMGQDIQLIPPLINLLMSIEPDVIYAGHDNTKPDTSSSLLTSLNQLGERQLLSVVKWSKSLPGFRNLHIDDQITLIQY
SWMSLMVFGLGWRSYKHVSGQMLYFAPDLILNEQRMKESSFYSLCLTMWQIPQEFVKLQVSQEEFLCMKVLLLLNTIPLE
GLRSQTQFEEMRSSYIRELIKAIGLRQKGVVSSSQRFYQLTKLLDNLHDLVKQLHLYCLNTFIQSRALSVEFPEMMSEVI
AAQLPKILAGMVKPLLFHKK
;
_entity_poly.pdbx_strand_id   A,B
#
loop_
_chem_comp.id
_chem_comp.type
_chem_comp.name
_chem_comp.formula
A2K non-polymer (8S,11R,13S,14S,16S,17S)-17-cyclopropylcarbonyl-16-ethenyl-13-methyl-11-(4-pyridin-3-ylphenyl)-2,6,7,8,11,12,14,15,16,17-decahydro-1H-cyclopenta[a]phenanthren-3-one 'C35 H37 N O2'
OR8 non-polymer 2-CHLORO-N-[[4-(3,5-DIMETHYLISOXAZOL-4-YL)PHENYL]METHYL]-1,4-DIMETHYL-1H-PYRAZOLE-4-SULFONAMIDE 'C17 H19 Cl N4 O3 S'
SO4 non-polymer 'SULFATE ION' 'O4 S -2'
#
# COMPACT_ATOMS: atom_id res chain seq x y z
N LEU A 10 -42.44 10.63 -10.43
CA LEU A 10 -41.31 11.56 -10.72
C LEU A 10 -40.47 11.83 -9.45
N ILE A 11 -39.29 12.39 -9.64
CA ILE A 11 -38.35 12.59 -8.53
C ILE A 11 -38.84 13.72 -7.60
N PRO A 12 -38.91 13.45 -6.28
CA PRO A 12 -39.29 14.48 -5.30
C PRO A 12 -38.39 15.71 -5.39
N PRO A 13 -38.95 16.92 -5.19
CA PRO A 13 -38.17 18.14 -5.29
C PRO A 13 -36.89 18.18 -4.48
N LEU A 14 -36.92 17.74 -3.22
CA LEU A 14 -35.72 17.86 -2.37
C LEU A 14 -34.57 17.02 -2.93
N ILE A 15 -34.90 15.85 -3.49
CA ILE A 15 -33.88 15.00 -4.10
C ILE A 15 -33.32 15.67 -5.36
N ASN A 16 -34.17 16.29 -6.17
CA ASN A 16 -33.72 17.06 -7.36
C ASN A 16 -32.78 18.19 -6.98
N LEU A 17 -33.09 18.84 -5.86
CA LEU A 17 -32.22 19.89 -5.36
C LEU A 17 -30.88 19.29 -4.92
N LEU A 18 -30.93 18.25 -4.10
CA LEU A 18 -29.69 17.58 -3.70
C LEU A 18 -28.80 17.25 -4.91
N MET A 19 -29.40 16.73 -6.00
CA MET A 19 -28.66 16.45 -7.25
C MET A 19 -27.99 17.69 -7.83
N SER A 20 -28.70 18.83 -7.80
CA SER A 20 -28.18 20.06 -8.40
C SER A 20 -27.06 20.70 -7.56
N ILE A 21 -27.03 20.43 -6.27
CA ILE A 21 -25.99 21.03 -5.41
C ILE A 21 -24.76 20.13 -5.21
N GLU A 22 -24.77 18.92 -5.81
CA GLU A 22 -23.63 18.05 -5.75
C GLU A 22 -22.44 18.78 -6.33
N PRO A 23 -21.26 18.61 -5.72
CA PRO A 23 -20.08 19.29 -6.23
C PRO A 23 -19.77 18.83 -7.62
N ASP A 24 -19.00 19.63 -8.36
CA ASP A 24 -18.51 19.20 -9.66
C ASP A 24 -17.28 18.32 -9.42
N VAL A 25 -16.78 17.69 -10.48
CA VAL A 25 -15.66 16.78 -10.39
C VAL A 25 -14.45 17.50 -9.79
N ILE A 26 -13.79 16.86 -8.82
CA ILE A 26 -12.62 17.42 -8.17
C ILE A 26 -11.36 16.61 -8.51
N TYR A 27 -10.39 17.30 -9.11
CA TYR A 27 -9.12 16.69 -9.46
C TYR A 27 -8.14 16.75 -8.30
N ALA A 28 -7.34 15.70 -8.17
CA ALA A 28 -6.32 15.65 -7.15
C ALA A 28 -5.16 16.59 -7.51
N GLY A 29 -4.90 16.78 -8.79
CA GLY A 29 -3.72 17.48 -9.25
C GLY A 29 -2.46 16.64 -9.02
N HIS A 30 -2.59 15.35 -9.27
CA HIS A 30 -1.54 14.38 -9.03
C HIS A 30 -0.57 14.40 -10.18
N ASP A 31 0.73 14.51 -9.90
CA ASP A 31 1.77 14.44 -10.93
C ASP A 31 1.84 13.00 -11.44
N ASN A 32 1.10 12.74 -12.52
CA ASN A 32 0.82 11.38 -12.97
C ASN A 32 1.95 10.78 -13.82
N THR A 33 3.07 11.52 -13.95
CA THR A 33 4.25 11.03 -14.66
C THR A 33 5.11 10.14 -13.75
N LYS A 34 5.73 10.73 -12.73
CA LYS A 34 6.64 10.00 -11.85
C LYS A 34 5.92 9.03 -10.90
N PRO A 35 6.52 7.84 -10.65
CA PRO A 35 5.79 6.80 -9.93
C PRO A 35 5.61 7.06 -8.43
N ASP A 36 4.72 6.27 -7.82
CA ASP A 36 4.32 6.46 -6.43
C ASP A 36 5.36 5.92 -5.46
N THR A 37 5.77 6.79 -4.52
CA THR A 37 6.20 6.32 -3.23
C THR A 37 4.96 6.46 -2.37
N SER A 38 4.96 5.79 -1.22
CA SER A 38 3.86 5.89 -0.28
C SER A 38 3.62 7.36 0.07
N SER A 39 4.69 8.07 0.43
CA SER A 39 4.55 9.44 0.96
C SER A 39 4.03 10.46 -0.07
N SER A 40 4.45 10.32 -1.33
CA SER A 40 3.93 11.17 -2.41
C SER A 40 2.46 10.88 -2.67
N LEU A 41 2.09 9.61 -2.65
CA LEU A 41 0.68 9.24 -2.83
C LEU A 41 -0.16 9.82 -1.70
N LEU A 42 0.32 9.71 -0.47
CA LEU A 42 -0.39 10.24 0.69
C LEU A 42 -0.51 11.77 0.61
N THR A 43 0.53 12.45 0.15
CA THR A 43 0.47 13.91 -0.07
C THR A 43 -0.62 14.27 -1.08
N SER A 44 -0.70 13.53 -2.19
CA SER A 44 -1.76 13.75 -3.20
C SER A 44 -3.14 13.54 -2.64
N LEU A 45 -3.30 12.48 -1.87
CA LEU A 45 -4.57 12.21 -1.21
C LEU A 45 -4.97 13.36 -0.27
N ASN A 46 -3.97 13.92 0.43
CA ASN A 46 -4.16 15.08 1.32
C ASN A 46 -4.52 16.37 0.59
N GLN A 47 -3.85 16.58 -0.56
CA GLN A 47 -4.17 17.70 -1.47
C GLN A 47 -5.58 17.59 -2.06
N LEU A 48 -5.95 16.38 -2.48
CA LEU A 48 -7.32 16.13 -2.89
C LEU A 48 -8.30 16.40 -1.74
N GLY A 49 -7.98 15.87 -0.54
CA GLY A 49 -8.85 16.03 0.63
C GLY A 49 -9.09 17.50 1.01
N GLU A 50 -8.07 18.34 0.82
CA GLU A 50 -8.20 19.78 1.02
C GLU A 50 -9.20 20.41 0.03
N ARG A 51 -9.15 19.97 -1.24
CA ARG A 51 -10.13 20.42 -2.23
C ARG A 51 -11.54 19.92 -1.92
N GLN A 52 -11.64 18.66 -1.51
CA GLN A 52 -12.92 18.06 -1.12
C GLN A 52 -13.51 18.74 0.10
N LEU A 53 -12.67 19.11 1.07
CA LEU A 53 -13.20 19.81 2.26
C LEU A 53 -13.85 21.14 1.84
N LEU A 54 -13.21 21.92 0.99
CA LEU A 54 -13.81 23.17 0.51
C LEU A 54 -15.18 22.92 -0.08
N SER A 55 -15.22 21.89 -0.91
CA SER A 55 -16.38 21.55 -1.67
C SER A 55 -17.48 21.07 -0.74
N VAL A 56 -17.11 20.33 0.30
CA VAL A 56 -18.08 20.00 1.34
C VAL A 56 -18.63 21.24 2.03
N VAL A 57 -17.77 22.21 2.33
CA VAL A 57 -18.25 23.39 3.02
C VAL A 57 -19.16 24.19 2.09
N LYS A 58 -18.79 24.33 0.82
CA LYS A 58 -19.68 24.99 -0.15
C LYS A 58 -21.03 24.27 -0.30
N TRP A 59 -21.00 22.96 -0.39
CA TRP A 59 -22.21 22.17 -0.56
C TRP A 59 -23.16 22.40 0.57
N SER A 60 -22.60 22.38 1.78
CA SER A 60 -23.37 22.54 3.00
C SER A 60 -24.11 23.89 3.08
N LYS A 61 -23.58 24.93 2.44
CA LYS A 61 -24.19 26.27 2.45
C LYS A 61 -25.46 26.31 1.59
N SER A 62 -25.54 25.38 0.63
CA SER A 62 -26.70 25.23 -0.24
C SER A 62 -27.64 24.12 0.24
N LEU A 63 -27.24 23.36 1.26
CA LEU A 63 -28.00 22.19 1.66
C LEU A 63 -29.23 22.63 2.45
N PRO A 64 -30.43 22.26 2.01
CA PRO A 64 -31.56 22.84 2.77
C PRO A 64 -31.60 22.52 4.25
N GLY A 65 -31.86 23.54 5.08
CA GLY A 65 -31.91 23.38 6.53
C GLY A 65 -30.58 23.67 7.25
N PHE A 66 -29.45 23.43 6.59
CA PHE A 66 -28.18 23.43 7.30
C PHE A 66 -27.71 24.81 7.79
N ARG A 67 -27.74 25.78 6.89
CA ARG A 67 -27.37 27.16 7.20
C ARG A 67 -28.20 27.76 8.34
N ASN A 68 -29.36 27.18 8.62
CA ASN A 68 -30.23 27.69 9.67
C ASN A 68 -29.87 27.21 11.07
N LEU A 69 -29.00 26.21 11.17
CA LEU A 69 -28.45 25.79 12.44
C LEU A 69 -27.45 26.87 12.90
N HIS A 70 -27.22 26.97 14.20
CA HIS A 70 -26.20 27.85 14.77
C HIS A 70 -24.89 27.63 14.06
N ILE A 71 -24.13 28.70 13.81
CA ILE A 71 -22.86 28.58 13.07
C ILE A 71 -21.90 27.60 13.74
N ASP A 72 -21.88 27.57 15.07
CA ASP A 72 -20.98 26.63 15.76
C ASP A 72 -21.36 25.17 15.48
N ASP A 73 -22.67 24.89 15.43
CA ASP A 73 -23.16 23.57 15.08
C ASP A 73 -22.74 23.22 13.66
N GLN A 74 -22.86 24.17 12.74
CA GLN A 74 -22.50 23.92 11.34
C GLN A 74 -21.03 23.52 11.25
N ILE A 75 -20.17 24.29 11.92
CA ILE A 75 -18.74 23.99 11.91
C ILE A 75 -18.40 22.62 12.54
N THR A 76 -18.92 22.37 13.72
CA THR A 76 -18.82 21.09 14.39
C THR A 76 -19.30 19.91 13.56
N LEU A 77 -20.52 19.96 13.02
CA LEU A 77 -21.06 18.86 12.19
C LEU A 77 -20.13 18.56 11.01
N ILE A 78 -19.61 19.61 10.37
CA ILE A 78 -18.58 19.42 9.33
C ILE A 78 -17.27 18.81 9.87
N GLN A 79 -16.78 19.30 11.00
CA GLN A 79 -15.51 18.78 11.53
C GLN A 79 -15.62 17.34 12.01
N TYR A 80 -16.82 16.96 12.46
CA TYR A 80 -17.06 15.60 12.92
C TYR A 80 -17.25 14.62 11.76
N SER A 81 -17.89 15.07 10.66
CA SER A 81 -18.31 14.16 9.58
C SER A 81 -17.41 14.15 8.34
N TRP A 82 -16.38 14.98 8.28
CA TRP A 82 -15.63 15.12 7.03
C TRP A 82 -15.08 13.82 6.52
N MET A 83 -14.52 12.99 7.39
CA MET A 83 -13.93 11.71 6.98
C MET A 83 -14.98 10.74 6.41
N SER A 84 -16.10 10.58 7.13
CA SER A 84 -17.25 9.80 6.64
C SER A 84 -17.74 10.23 5.26
N LEU A 85 -17.96 11.54 5.08
CA LEU A 85 -18.41 12.12 3.82
C LEU A 85 -17.45 11.79 2.71
N MET A 86 -16.16 11.90 2.98
CA MET A 86 -15.13 11.59 1.99
C MET A 86 -14.98 10.09 1.70
N VAL A 87 -15.09 9.21 2.70
CA VAL A 87 -15.06 7.78 2.39
C VAL A 87 -16.32 7.36 1.61
N PHE A 88 -17.46 7.97 1.92
CA PHE A 88 -18.74 7.65 1.31
C PHE A 88 -18.70 8.11 -0.16
N GLY A 89 -18.21 9.33 -0.38
CA GLY A 89 -17.99 9.87 -1.71
C GLY A 89 -17.11 8.99 -2.56
N LEU A 90 -15.99 8.54 -1.96
CA LEU A 90 -15.09 7.58 -2.61
C LEU A 90 -15.81 6.30 -3.06
N GLY A 91 -16.66 5.76 -2.19
CA GLY A 91 -17.40 4.56 -2.51
C GLY A 91 -18.36 4.70 -3.68
N TRP A 92 -19.05 5.83 -3.71
CA TRP A 92 -19.98 6.16 -4.75
C TRP A 92 -19.26 6.30 -6.07
N ARG A 93 -18.19 7.09 -6.11
CA ARG A 93 -17.44 7.25 -7.34
C ARG A 93 -16.84 5.91 -7.84
N SER A 94 -16.36 5.07 -6.93
CA SER A 94 -15.73 3.83 -7.29
C SER A 94 -16.78 2.86 -7.86
N TYR A 95 -17.92 2.75 -7.19
CA TYR A 95 -19.12 2.08 -7.68
C TYR A 95 -19.56 2.57 -9.06
N LYS A 96 -19.77 3.88 -9.18
CA LYS A 96 -20.30 4.48 -10.40
C LYS A 96 -19.37 4.32 -11.59
N HIS A 97 -18.07 4.51 -11.38
CA HIS A 97 -17.10 4.67 -12.49
C HIS A 97 -16.35 3.42 -12.83
N VAL A 98 -16.04 2.59 -11.84
CA VAL A 98 -15.21 1.43 -12.09
C VAL A 98 -15.77 0.19 -11.42
N SER A 99 -17.10 0.18 -11.29
CA SER A 99 -17.83 -0.99 -10.80
C SER A 99 -17.31 -1.48 -9.44
N GLY A 100 -16.91 -0.54 -8.59
CA GLY A 100 -16.38 -0.85 -7.26
C GLY A 100 -15.05 -1.59 -7.23
N GLN A 101 -14.39 -1.75 -8.37
CA GLN A 101 -13.23 -2.62 -8.48
C GLN A 101 -11.88 -1.92 -8.47
N MET A 102 -11.92 -0.59 -8.37
CA MET A 102 -10.76 0.23 -8.07
C MET A 102 -11.29 1.34 -7.17
N LEU A 103 -10.38 2.09 -6.54
CA LEU A 103 -10.78 3.21 -5.67
C LEU A 103 -10.64 4.47 -6.47
N TYR A 104 -11.77 5.07 -6.82
CA TYR A 104 -11.82 6.25 -7.68
C TYR A 104 -11.78 7.51 -6.80
N PHE A 105 -10.58 7.90 -6.39
CA PHE A 105 -10.41 9.07 -5.50
C PHE A 105 -10.76 10.33 -6.29
N ALA A 106 -10.23 10.38 -7.52
CA ALA A 106 -10.45 11.46 -8.47
C ALA A 106 -10.17 10.92 -9.89
N PRO A 107 -10.59 11.64 -10.93
CA PRO A 107 -10.30 11.14 -12.29
C PRO A 107 -8.80 10.99 -12.57
N ASP A 108 -7.98 11.78 -11.88
CA ASP A 108 -6.53 11.68 -12.02
C ASP A 108 -5.88 10.89 -10.89
N LEU A 109 -6.68 10.24 -10.05
CA LEU A 109 -6.17 9.42 -8.98
C LEU A 109 -7.13 8.26 -8.74
N ILE A 110 -6.94 7.20 -9.51
CA ILE A 110 -7.68 5.97 -9.37
C ILE A 110 -6.67 4.90 -8.98
N LEU A 111 -6.90 4.21 -7.87
CA LEU A 111 -5.94 3.23 -7.37
C LEU A 111 -6.48 1.82 -7.57
N ASN A 112 -5.68 1.00 -8.23
CA ASN A 112 -5.92 -0.44 -8.27
C ASN A 112 -4.88 -1.08 -7.34
N GLU A 113 -4.85 -2.41 -7.29
CA GLU A 113 -4.05 -3.14 -6.30
C GLU A 113 -2.54 -2.88 -6.40
N GLN A 114 -2.06 -2.80 -7.63
CA GLN A 114 -0.66 -2.50 -7.92
C GLN A 114 -0.10 -1.25 -7.25
N ARG A 115 -0.95 -0.22 -7.15
CA ARG A 115 -0.52 1.09 -6.67
C ARG A 115 -0.66 1.24 -5.15
N MET A 116 -1.06 0.18 -4.45
CA MET A 116 -1.10 0.15 -2.98
C MET A 116 -0.04 -0.84 -2.44
N LYS A 117 1.19 -0.35 -2.31
CA LYS A 117 2.31 -1.20 -1.93
C LYS A 117 2.37 -1.33 -0.41
N GLU A 118 2.59 -0.19 0.25
CA GLU A 118 2.69 -0.08 1.70
C GLU A 118 1.56 -0.85 2.36
N SER A 119 1.89 -1.82 3.21
CA SER A 119 0.88 -2.72 3.78
C SER A 119 -0.18 -2.01 4.64
N SER A 120 0.25 -1.02 5.43
CA SER A 120 -0.69 -0.26 6.29
C SER A 120 -1.71 0.52 5.45
N PHE A 121 -1.21 1.13 4.38
CA PHE A 121 -2.04 1.85 3.45
C PHE A 121 -2.92 0.89 2.63
N TYR A 122 -2.35 -0.24 2.19
CA TYR A 122 -3.14 -1.28 1.52
C TYR A 122 -4.28 -1.79 2.42
N SER A 123 -3.98 -1.94 3.72
CA SER A 123 -4.97 -2.42 4.70
C SER A 123 -6.07 -1.40 4.85
N LEU A 124 -5.67 -0.15 4.96
CA LEU A 124 -6.61 0.95 4.95
C LEU A 124 -7.49 0.93 3.69
N CYS A 125 -6.89 0.68 2.52
CA CYS A 125 -7.66 0.71 1.28
C CYS A 125 -8.71 -0.39 1.21
N LEU A 126 -8.33 -1.59 1.65
CA LEU A 126 -9.24 -2.74 1.76
C LEU A 126 -10.42 -2.42 2.68
N THR A 127 -10.15 -1.69 3.75
CA THR A 127 -11.21 -1.25 4.65
C THR A 127 -12.15 -0.31 3.94
N MET A 128 -11.61 0.74 3.31
CA MET A 128 -12.44 1.67 2.57
C MET A 128 -13.24 0.98 1.48
N TRP A 129 -12.66 -0.10 0.92
CA TRP A 129 -13.25 -0.84 -0.19
C TRP A 129 -14.54 -1.54 0.12
N GLN A 130 -14.87 -1.70 1.40
CA GLN A 130 -16.12 -2.35 1.80
C GLN A 130 -17.32 -1.52 1.44
N ILE A 131 -17.13 -0.20 1.35
CA ILE A 131 -18.24 0.69 1.01
C ILE A 131 -18.68 0.49 -0.46
N PRO A 132 -17.75 0.63 -1.45
CA PRO A 132 -18.11 0.36 -2.86
C PRO A 132 -18.69 -1.03 -3.10
N GLN A 133 -18.12 -2.03 -2.43
CA GLN A 133 -18.64 -3.40 -2.42
C GLN A 133 -20.07 -3.48 -1.90
N GLU A 134 -20.42 -2.71 -0.89
CA GLU A 134 -21.80 -2.74 -0.41
C GLU A 134 -22.77 -2.00 -1.34
N PHE A 135 -22.30 -0.92 -1.95
CA PHE A 135 -23.07 -0.16 -2.94
C PHE A 135 -23.42 -1.08 -4.12
N VAL A 136 -22.41 -1.78 -4.64
CA VAL A 136 -22.61 -2.80 -5.70
C VAL A 136 -23.58 -3.92 -5.26
N LYS A 137 -23.38 -4.46 -4.05
CA LYS A 137 -24.23 -5.53 -3.53
C LYS A 137 -25.68 -5.08 -3.38
N LEU A 138 -25.88 -3.92 -2.77
CA LEU A 138 -27.21 -3.37 -2.54
C LEU A 138 -27.81 -2.66 -3.76
N GLN A 139 -26.98 -2.31 -4.74
CA GLN A 139 -27.39 -1.48 -5.88
C GLN A 139 -28.00 -0.16 -5.44
N VAL A 140 -27.29 0.56 -4.57
CA VAL A 140 -27.73 1.85 -4.08
C VAL A 140 -27.98 2.83 -5.24
N SER A 141 -29.15 3.48 -5.25
CA SER A 141 -29.46 4.46 -6.29
C SER A 141 -28.83 5.79 -5.96
N GLN A 142 -28.73 6.67 -6.95
CA GLN A 142 -28.19 7.97 -6.68
C GLN A 142 -29.06 8.75 -5.71
N GLU A 143 -30.37 8.50 -5.79
CA GLU A 143 -31.33 9.19 -4.92
C GLU A 143 -31.17 8.81 -3.46
N GLU A 144 -30.99 7.51 -3.20
CA GLU A 144 -30.71 6.99 -1.85
C GLU A 144 -29.39 7.48 -1.31
N PHE A 145 -28.36 7.45 -2.15
CA PHE A 145 -27.05 7.98 -1.80
C PHE A 145 -27.08 9.44 -1.36
N LEU A 146 -27.78 10.28 -2.11
CA LEU A 146 -27.81 11.71 -1.80
C LEU A 146 -28.42 11.99 -0.43
N CYS A 147 -29.49 11.25 -0.09
CA CYS A 147 -30.12 11.39 1.24
C CYS A 147 -29.21 10.77 2.35
N MET A 148 -28.70 9.57 2.10
CA MET A 148 -27.69 8.95 3.00
C MET A 148 -26.52 9.88 3.32
N LYS A 149 -26.03 10.56 2.31
CA LYS A 149 -24.92 11.48 2.49
C LYS A 149 -25.29 12.61 3.49
N VAL A 150 -26.49 13.16 3.37
CA VAL A 150 -26.91 14.23 4.29
C VAL A 150 -27.03 13.66 5.70
N LEU A 151 -27.51 12.42 5.82
CA LEU A 151 -27.62 11.77 7.12
C LEU A 151 -26.23 11.53 7.73
N LEU A 152 -25.22 11.32 6.90
CA LEU A 152 -23.84 11.22 7.42
C LEU A 152 -23.38 12.53 8.04
N LEU A 153 -23.69 13.64 7.40
CA LEU A 153 -23.33 14.97 7.92
C LEU A 153 -23.96 15.19 9.28
N LEU A 154 -25.11 14.55 9.48
CA LEU A 154 -25.91 14.72 10.68
C LEU A 154 -25.82 13.51 11.62
N ASN A 155 -24.77 12.70 11.51
CA ASN A 155 -24.77 11.39 12.18
C ASN A 155 -23.95 11.32 13.48
N THR A 156 -23.26 12.40 13.83
CA THR A 156 -22.45 12.49 15.05
C THR A 156 -22.58 13.87 15.64
N ILE A 157 -22.96 13.95 16.93
CA ILE A 157 -23.03 15.22 17.63
C ILE A 157 -22.18 15.18 18.91
N PRO A 158 -21.89 16.36 19.50
CA PRO A 158 -21.15 16.41 20.78
C PRO A 158 -21.94 15.76 21.90
N LEU A 159 -21.27 15.33 22.96
CA LEU A 159 -21.98 14.72 24.12
C LEU A 159 -23.02 15.64 24.74
N GLU A 160 -22.73 16.95 24.76
CA GLU A 160 -23.66 17.93 25.32
C GLU A 160 -24.87 18.14 24.40
N GLY A 161 -24.69 17.81 23.12
CA GLY A 161 -25.69 18.08 22.10
C GLY A 161 -25.34 19.38 21.39
N LEU A 162 -26.25 19.86 20.56
CA LEU A 162 -25.98 21.01 19.71
C LEU A 162 -26.68 22.23 20.28
N ARG A 163 -26.21 23.42 19.94
CA ARG A 163 -26.93 24.62 20.35
C ARG A 163 -28.33 24.64 19.72
N SER A 164 -28.43 24.31 18.42
CA SER A 164 -29.71 24.25 17.72
C SER A 164 -30.24 22.83 17.67
N GLN A 165 -30.38 22.22 18.83
CA GLN A 165 -30.70 20.81 18.91
C GLN A 165 -32.06 20.49 18.27
N THR A 166 -33.04 21.33 18.52
CA THR A 166 -34.41 21.14 17.98
C THR A 166 -34.37 21.19 16.49
N GLN A 167 -33.81 22.27 15.96
CA GLN A 167 -33.72 22.44 14.52
C GLN A 167 -32.96 21.26 13.87
N PHE A 168 -31.87 20.84 14.50
CA PHE A 168 -31.07 19.71 14.02
C PHE A 168 -31.88 18.41 13.91
N GLU A 169 -32.64 18.10 14.96
CA GLU A 169 -33.47 16.89 14.97
C GLU A 169 -34.60 16.93 13.93
N GLU A 170 -35.22 18.09 13.74
CA GLU A 170 -36.18 18.31 12.65
C GLU A 170 -35.50 18.10 11.29
N MET A 171 -34.29 18.60 11.12
CA MET A 171 -33.58 18.44 9.85
C MET A 171 -33.28 16.97 9.55
N ARG A 172 -32.68 16.28 10.52
CA ARG A 172 -32.40 14.85 10.42
C ARG A 172 -33.66 14.06 10.09
N SER A 173 -34.75 14.33 10.80
CA SER A 173 -36.03 13.68 10.49
C SER A 173 -36.46 13.87 9.05
N SER A 174 -36.29 15.09 8.54
CA SER A 174 -36.70 15.42 7.19
C SER A 174 -35.90 14.65 6.14
N TYR A 175 -34.59 14.50 6.36
CA TYR A 175 -33.79 13.70 5.43
C TYR A 175 -33.98 12.18 5.57
N ILE A 176 -34.46 11.72 6.73
CA ILE A 176 -34.86 10.33 6.90
C ILE A 176 -36.15 10.05 6.10
N ARG A 177 -37.13 10.97 6.16
CA ARG A 177 -38.34 10.80 5.34
C ARG A 177 -37.96 10.83 3.87
N GLU A 178 -37.04 11.71 3.50
CA GLU A 178 -36.65 11.81 2.11
C GLU A 178 -35.95 10.53 1.61
N LEU A 179 -35.16 9.88 2.46
CA LEU A 179 -34.54 8.61 2.13
C LEU A 179 -35.63 7.56 1.90
N ILE A 180 -36.64 7.55 2.77
CA ILE A 180 -37.76 6.64 2.62
C ILE A 180 -38.49 6.90 1.29
N LYS A 181 -38.67 8.17 0.93
CA LYS A 181 -39.16 8.51 -0.40
C LYS A 181 -38.21 7.97 -1.50
N ALA A 182 -36.91 8.14 -1.32
CA ALA A 182 -35.92 7.68 -2.31
C ALA A 182 -36.06 6.19 -2.57
N ILE A 183 -36.19 5.44 -1.48
CA ILE A 183 -36.35 3.98 -1.48
C ILE A 183 -37.61 3.58 -2.25
N GLY A 184 -38.68 4.35 -2.05
CA GLY A 184 -39.96 4.09 -2.69
C GLY A 184 -39.98 4.26 -4.20
N LEU A 185 -39.02 5.02 -4.73
CA LEU A 185 -38.97 5.27 -6.16
C LEU A 185 -38.83 3.96 -6.91
N ARG A 186 -38.05 3.04 -6.34
CA ARG A 186 -37.86 1.72 -6.91
C ARG A 186 -38.58 0.69 -6.06
N GLN A 187 -38.27 0.65 -4.77
CA GLN A 187 -38.77 -0.43 -3.90
C GLN A 187 -40.25 -0.20 -3.57
N LYS A 188 -41.10 -0.96 -4.27
CA LYS A 188 -42.53 -0.94 -4.07
C LYS A 188 -42.89 -1.98 -3.00
N GLY A 189 -43.97 -1.72 -2.27
CA GLY A 189 -44.43 -2.68 -1.26
C GLY A 189 -43.79 -2.37 0.09
N VAL A 190 -44.58 -2.47 1.15
CA VAL A 190 -44.16 -2.02 2.48
C VAL A 190 -43.02 -2.86 3.07
N VAL A 191 -43.07 -4.19 2.88
CA VAL A 191 -42.06 -5.11 3.45
C VAL A 191 -40.68 -4.97 2.79
N SER A 192 -40.65 -4.90 1.46
CA SER A 192 -39.44 -4.65 0.70
C SER A 192 -38.84 -3.25 1.02
N SER A 193 -39.69 -2.23 1.01
CA SER A 193 -39.31 -0.88 1.42
C SER A 193 -38.67 -0.85 2.81
N SER A 194 -39.31 -1.52 3.76
CA SER A 194 -38.86 -1.53 5.14
C SER A 194 -37.56 -2.30 5.31
N GLN A 195 -37.41 -3.43 4.61
CA GLN A 195 -36.17 -4.20 4.65
C GLN A 195 -35.05 -3.38 4.06
N ARG A 196 -35.37 -2.63 3.01
CA ARG A 196 -34.41 -1.81 2.27
C ARG A 196 -33.89 -0.66 3.16
N PHE A 197 -34.83 -0.03 3.86
CA PHE A 197 -34.51 1.01 4.82
C PHE A 197 -33.58 0.49 5.90
N TYR A 198 -33.89 -0.70 6.41
CA TYR A 198 -33.03 -1.34 7.41
C TYR A 198 -31.62 -1.49 6.88
N GLN A 199 -31.49 -2.07 5.71
CA GLN A 199 -30.19 -2.29 5.09
C GLN A 199 -29.38 -0.99 4.92
N LEU A 200 -30.00 0.04 4.36
CA LEU A 200 -29.27 1.26 4.06
C LEU A 200 -28.86 1.99 5.35
N THR A 201 -29.71 1.95 6.37
CA THR A 201 -29.41 2.64 7.62
C THR A 201 -28.47 1.82 8.52
N LYS A 202 -28.43 0.51 8.33
CA LYS A 202 -27.42 -0.30 8.98
C LYS A 202 -26.06 -0.04 8.34
N LEU A 203 -26.04 0.19 7.03
CA LEU A 203 -24.78 0.56 6.36
C LEU A 203 -24.23 1.84 6.97
N LEU A 204 -25.10 2.80 7.25
CA LEU A 204 -24.71 4.06 7.89
C LEU A 204 -24.19 3.81 9.30
N ASP A 205 -24.89 2.98 10.08
CA ASP A 205 -24.43 2.59 11.42
C ASP A 205 -23.03 1.98 11.35
N ASN A 206 -22.82 1.04 10.43
CA ASN A 206 -21.51 0.39 10.30
C ASN A 206 -20.36 1.30 9.91
N LEU A 207 -20.64 2.46 9.33
CA LEU A 207 -19.58 3.39 8.92
C LEU A 207 -18.81 4.03 10.08
N HIS A 208 -19.45 4.14 11.24
CA HIS A 208 -18.80 4.65 12.45
C HIS A 208 -17.57 3.82 12.76
N ASP A 209 -17.70 2.50 12.66
CA ASP A 209 -16.57 1.58 12.93
C ASP A 209 -15.42 1.75 11.95
N LEU A 210 -15.77 1.72 10.68
CA LEU A 210 -14.81 1.90 9.58
C LEU A 210 -14.08 3.23 9.71
N VAL A 211 -14.85 4.29 9.91
CA VAL A 211 -14.32 5.65 10.03
C VAL A 211 -13.36 5.82 11.22
N LYS A 212 -13.61 5.13 12.33
CA LYS A 212 -12.70 5.19 13.46
C LYS A 212 -11.27 4.72 13.10
N GLN A 213 -11.18 3.71 12.23
CA GLN A 213 -9.87 3.22 11.79
C GLN A 213 -9.19 4.29 10.93
N LEU A 214 -9.95 4.97 10.07
CA LEU A 214 -9.42 6.06 9.23
C LEU A 214 -9.00 7.25 10.07
N HIS A 215 -9.80 7.62 11.06
CA HIS A 215 -9.41 8.67 12.00
C HIS A 215 -8.08 8.41 12.64
N LEU A 216 -7.89 7.20 13.18
CA LEU A 216 -6.64 6.89 13.87
C LEU A 216 -5.42 6.96 12.93
N TYR A 217 -5.55 6.34 11.77
CA TYR A 217 -4.50 6.38 10.77
C TYR A 217 -4.16 7.81 10.36
N CYS A 218 -5.18 8.65 10.16
CA CYS A 218 -4.98 10.06 9.87
C CYS A 218 -4.19 10.81 10.98
N LEU A 219 -4.60 10.68 12.23
CA LEU A 219 -3.93 11.41 13.31
C LEU A 219 -2.49 10.93 13.45
N ASN A 220 -2.30 9.62 13.35
CA ASN A 220 -0.95 9.05 13.33
C ASN A 220 -0.10 9.61 12.23
N THR A 221 -0.59 9.56 10.99
CA THR A 221 0.19 10.08 9.88
C THR A 221 0.48 11.59 10.10
N PHE A 222 -0.50 12.32 10.66
CA PHE A 222 -0.36 13.75 10.94
C PHE A 222 0.74 14.10 11.94
N ILE A 223 0.68 13.48 13.12
CA ILE A 223 1.73 13.60 14.15
C ILE A 223 3.11 13.25 13.59
N GLN A 224 3.17 12.22 12.75
CA GLN A 224 4.43 11.75 12.17
C GLN A 224 4.76 12.35 10.79
N SER A 225 4.05 13.41 10.40
CA SER A 225 4.10 13.95 9.03
C SER A 225 5.51 14.26 8.55
N ARG A 226 6.30 14.97 9.36
CA ARG A 226 7.70 15.27 8.99
C ARG A 226 8.64 14.07 8.90
N ALA A 227 8.40 13.03 9.70
CA ALA A 227 9.18 11.78 9.61
C ALA A 227 8.81 10.97 8.36
N LEU A 228 7.54 11.05 7.96
CA LEU A 228 7.05 10.33 6.77
C LEU A 228 7.20 11.14 5.47
N SER A 229 7.56 12.42 5.60
CA SER A 229 7.53 13.40 4.51
C SER A 229 6.14 13.49 3.86
N VAL A 230 5.10 13.50 4.68
CA VAL A 230 3.72 13.63 4.19
C VAL A 230 3.24 15.05 4.48
N GLU A 231 2.77 15.75 3.45
CA GLU A 231 2.29 17.10 3.60
C GLU A 231 0.80 17.16 3.90
N PHE A 232 0.43 17.94 4.91
CA PHE A 232 -0.99 18.17 5.25
C PHE A 232 -1.28 19.63 4.99
N PRO A 233 -2.22 19.94 4.07
CA PRO A 233 -2.55 21.34 3.83
C PRO A 233 -3.23 22.01 5.03
N GLU A 234 -3.43 23.32 4.94
CA GLU A 234 -3.80 24.12 6.13
C GLU A 234 -5.18 23.86 6.69
N MET A 235 -6.19 23.81 5.83
CA MET A 235 -7.56 23.61 6.31
C MET A 235 -7.74 22.22 6.94
N MET A 236 -7.22 21.20 6.28
CA MET A 236 -7.23 19.83 6.81
C MET A 236 -6.51 19.79 8.17
N SER A 237 -5.33 20.40 8.24
CA SER A 237 -4.56 20.46 9.49
C SER A 237 -5.37 20.99 10.66
N GLU A 238 -6.21 21.99 10.40
CA GLU A 238 -7.00 22.61 11.46
C GLU A 238 -8.15 21.70 11.90
N VAL A 239 -8.86 21.05 10.97
CA VAL A 239 -9.95 20.11 11.38
C VAL A 239 -9.37 18.98 12.23
N ILE A 240 -8.16 18.55 11.89
CA ILE A 240 -7.49 17.48 12.61
C ILE A 240 -7.09 17.92 14.03
N ALA A 241 -6.30 18.99 14.10
CA ALA A 241 -5.98 19.65 15.38
C ALA A 241 -7.25 19.98 16.16
N ALA A 242 -8.26 20.55 15.53
CA ALA A 242 -9.42 20.98 16.32
C ALA A 242 -10.16 19.81 16.99
N GLN A 243 -10.34 18.69 16.30
CA GLN A 243 -11.31 17.70 16.77
C GLN A 243 -10.85 16.27 16.83
N LEU A 244 -9.85 15.88 16.05
CA LEU A 244 -9.58 14.42 15.87
C LEU A 244 -9.18 13.68 17.15
N PRO A 245 -8.38 14.30 18.03
CA PRO A 245 -8.04 13.59 19.26
C PRO A 245 -9.26 13.38 20.14
N LYS A 246 -10.11 14.40 20.22
CA LYS A 246 -11.34 14.32 21.00
C LYS A 246 -12.33 13.29 20.41
N ILE A 247 -12.42 13.24 19.08
CA ILE A 247 -13.25 12.25 18.39
C ILE A 247 -12.75 10.84 18.68
N LEU A 248 -11.46 10.59 18.45
CA LEU A 248 -10.85 9.28 18.74
C LEU A 248 -10.98 8.85 20.20
N ALA A 249 -10.81 9.80 21.13
CA ALA A 249 -10.97 9.53 22.55
C ALA A 249 -12.44 9.22 22.93
N GLY A 250 -13.33 9.15 21.94
CA GLY A 250 -14.74 8.82 22.13
C GLY A 250 -15.58 9.89 22.80
N MET A 251 -15.15 11.16 22.71
CA MET A 251 -15.86 12.26 23.36
C MET A 251 -16.87 12.94 22.42
N VAL A 252 -17.70 12.12 21.78
CA VAL A 252 -18.74 12.55 20.85
C VAL A 252 -19.84 11.47 20.91
N LYS A 253 -21.04 11.81 20.46
CA LYS A 253 -22.17 10.88 20.50
C LYS A 253 -22.52 10.51 19.06
N PRO A 254 -22.11 9.31 18.62
CA PRO A 254 -22.55 8.88 17.29
C PRO A 254 -24.03 8.54 17.32
N LEU A 255 -24.79 8.96 16.32
CA LEU A 255 -26.19 8.58 16.23
C LEU A 255 -26.28 7.25 15.45
N LEU A 256 -27.12 6.34 15.96
CA LEU A 256 -27.28 4.99 15.37
C LEU A 256 -28.76 4.79 15.05
N PHE A 257 -29.08 4.22 13.89
CA PHE A 257 -30.46 3.84 13.60
C PHE A 257 -30.88 2.56 14.30
N HIS A 258 -29.93 1.73 14.72
CA HIS A 258 -30.23 0.47 15.43
C HIS A 258 -29.49 0.30 16.75
N LYS A 259 -30.09 -0.45 17.66
CA LYS A 259 -29.68 -0.54 19.08
C LYS A 259 -28.16 -0.53 19.30
N LEU B 10 12.86 6.61 -25.09
CA LEU B 10 12.06 6.61 -23.82
C LEU B 10 12.11 5.21 -23.19
N ILE B 11 11.47 5.02 -22.04
CA ILE B 11 11.57 3.75 -21.30
C ILE B 11 10.54 2.74 -21.81
N PRO B 12 10.98 1.51 -22.18
CA PRO B 12 10.02 0.49 -22.58
C PRO B 12 8.92 0.27 -21.53
N PRO B 13 7.68 0.00 -21.98
CA PRO B 13 6.57 -0.06 -21.03
C PRO B 13 6.76 -1.02 -19.85
N LEU B 14 7.25 -2.24 -20.08
CA LEU B 14 7.38 -3.19 -18.98
C LEU B 14 8.39 -2.69 -17.94
N ILE B 15 9.42 -1.98 -18.39
CA ILE B 15 10.39 -1.41 -17.44
C ILE B 15 9.78 -0.24 -16.63
N ASN B 16 8.94 0.57 -17.26
CA ASN B 16 8.11 1.55 -16.54
C ASN B 16 7.18 0.95 -15.49
N LEU B 17 6.50 -0.13 -15.85
CA LEU B 17 5.64 -0.84 -14.93
C LEU B 17 6.44 -1.36 -13.72
N LEU B 18 7.56 -2.01 -14.01
CA LEU B 18 8.43 -2.54 -12.96
C LEU B 18 8.85 -1.43 -11.99
N MET B 19 9.24 -0.29 -12.54
CA MET B 19 9.52 0.93 -11.75
C MET B 19 8.38 1.26 -10.80
N SER B 20 7.14 1.26 -11.31
CA SER B 20 5.99 1.66 -10.50
C SER B 20 5.54 0.69 -9.42
N ILE B 21 5.92 -0.59 -9.51
CA ILE B 21 5.56 -1.58 -8.49
C ILE B 21 6.69 -1.87 -7.48
N GLU B 22 7.87 -1.29 -7.68
CA GLU B 22 8.94 -1.38 -6.69
C GLU B 22 8.45 -1.01 -5.30
N PRO B 23 8.64 -1.90 -4.32
CA PRO B 23 8.20 -1.60 -2.96
C PRO B 23 8.86 -0.35 -2.40
N ASP B 24 8.18 0.28 -1.44
CA ASP B 24 8.72 1.44 -0.78
C ASP B 24 9.84 1.03 0.16
N VAL B 25 10.46 2.02 0.78
CA VAL B 25 11.50 1.82 1.78
C VAL B 25 10.92 1.05 2.96
N ILE B 26 11.68 0.09 3.47
CA ILE B 26 11.27 -0.68 4.64
C ILE B 26 12.24 -0.40 5.78
N TYR B 27 11.70 -0.21 6.97
CA TYR B 27 12.50 0.06 8.15
C TYR B 27 12.78 -1.20 8.95
N ALA B 28 13.98 -1.25 9.53
CA ALA B 28 14.41 -2.36 10.37
C ALA B 28 13.65 -2.39 11.68
N GLY B 29 13.42 -1.21 12.25
CA GLY B 29 12.93 -1.07 13.62
C GLY B 29 14.01 -1.20 14.70
N HIS B 30 15.28 -1.15 14.30
CA HIS B 30 16.42 -1.38 15.21
C HIS B 30 16.61 -0.21 16.16
N ASP B 31 16.91 -0.52 17.43
CA ASP B 31 17.15 0.47 18.47
C ASP B 31 18.62 0.92 18.42
N ASN B 32 18.85 2.04 17.74
CA ASN B 32 20.20 2.55 17.51
C ASN B 32 20.77 3.33 18.70
N THR B 33 19.99 3.45 19.79
CA THR B 33 20.46 4.07 21.03
C THR B 33 21.05 3.06 22.02
N LYS B 34 21.00 1.77 21.68
CA LYS B 34 21.72 0.73 22.43
C LYS B 34 22.93 0.28 21.60
N PRO B 35 24.03 -0.14 22.26
CA PRO B 35 25.16 -0.66 21.48
C PRO B 35 24.84 -2.01 20.83
N ASP B 36 25.50 -2.29 19.70
CA ASP B 36 25.28 -3.51 18.96
C ASP B 36 25.68 -4.70 19.82
N THR B 37 24.90 -5.78 19.74
CA THR B 37 25.40 -7.10 20.04
C THR B 37 25.20 -7.92 18.76
N SER B 38 25.94 -9.01 18.63
CA SER B 38 25.77 -9.93 17.53
C SER B 38 24.32 -10.44 17.48
N SER B 39 23.76 -10.70 18.65
CA SER B 39 22.41 -11.20 18.78
C SER B 39 21.37 -10.20 18.28
N SER B 40 21.44 -8.97 18.77
CA SER B 40 20.44 -7.97 18.44
C SER B 40 20.55 -7.53 16.98
N LEU B 41 21.77 -7.50 16.43
CA LEU B 41 21.96 -7.18 15.00
C LEU B 41 21.32 -8.22 14.11
N LEU B 42 21.59 -9.48 14.42
CA LEU B 42 21.08 -10.59 13.63
C LEU B 42 19.57 -10.71 13.82
N THR B 43 19.06 -10.42 15.03
CA THR B 43 17.60 -10.42 15.27
C THR B 43 16.92 -9.31 14.45
N SER B 44 17.52 -8.11 14.39
CA SER B 44 17.00 -7.03 13.56
C SER B 44 17.00 -7.33 12.07
N LEU B 45 18.11 -7.89 11.58
CA LEU B 45 18.21 -8.31 10.20
C LEU B 45 17.13 -9.33 9.86
N ASN B 46 16.85 -10.28 10.77
CA ASN B 46 15.75 -11.22 10.53
C ASN B 46 14.39 -10.55 10.51
N GLN B 47 14.19 -9.62 11.42
CA GLN B 47 12.92 -8.90 11.45
C GLN B 47 12.81 -8.09 10.15
N LEU B 48 13.91 -7.45 9.73
CA LEU B 48 13.92 -6.73 8.48
C LEU B 48 13.65 -7.71 7.32
N GLY B 49 14.26 -8.89 7.33
CA GLY B 49 14.10 -9.85 6.23
C GLY B 49 12.66 -10.32 6.08
N GLU B 50 11.99 -10.52 7.21
CA GLU B 50 10.59 -10.93 7.21
C GLU B 50 9.71 -9.86 6.54
N ARG B 51 9.92 -8.59 6.93
CA ARG B 51 9.15 -7.47 6.34
C ARG B 51 9.46 -7.34 4.85
N GLN B 52 10.73 -7.46 4.48
CA GLN B 52 11.10 -7.46 3.08
C GLN B 52 10.47 -8.61 2.26
N LEU B 53 10.33 -9.80 2.87
CA LEU B 53 9.63 -10.89 2.21
C LEU B 53 8.16 -10.54 1.96
N LEU B 54 7.47 -10.03 2.96
CA LEU B 54 6.08 -9.59 2.78
C LEU B 54 5.93 -8.66 1.59
N SER B 55 6.90 -7.77 1.40
CA SER B 55 6.79 -6.81 0.31
C SER B 55 7.26 -7.40 -1.05
N VAL B 56 8.15 -8.38 -1.03
CA VAL B 56 8.36 -9.26 -2.20
C VAL B 56 7.07 -10.02 -2.62
N VAL B 57 6.38 -10.64 -1.67
CA VAL B 57 5.17 -11.36 -2.02
C VAL B 57 4.17 -10.41 -2.67
N LYS B 58 3.95 -9.24 -2.07
CA LYS B 58 3.03 -8.24 -2.62
C LYS B 58 3.48 -7.77 -4.00
N TRP B 59 4.75 -7.40 -4.13
CA TRP B 59 5.35 -7.10 -5.41
C TRP B 59 5.04 -8.18 -6.45
N SER B 60 5.24 -9.44 -6.10
CA SER B 60 5.16 -10.53 -7.07
C SER B 60 3.73 -10.65 -7.61
N LYS B 61 2.74 -10.24 -6.82
CA LYS B 61 1.34 -10.27 -7.27
C LYS B 61 1.02 -9.21 -8.31
N SER B 62 1.84 -8.16 -8.39
CA SER B 62 1.73 -7.11 -9.39
C SER B 62 2.69 -7.34 -10.55
N LEU B 63 3.53 -8.36 -10.46
CA LEU B 63 4.58 -8.60 -11.47
C LEU B 63 4.00 -9.30 -12.72
N PRO B 64 4.07 -8.65 -13.90
CA PRO B 64 3.45 -9.26 -15.08
C PRO B 64 3.96 -10.67 -15.39
N GLY B 65 3.04 -11.61 -15.57
CA GLY B 65 3.42 -12.99 -15.79
C GLY B 65 3.30 -13.87 -14.56
N PHE B 66 3.69 -13.34 -13.40
CA PHE B 66 3.96 -14.20 -12.25
C PHE B 66 2.71 -14.88 -11.76
N ARG B 67 1.61 -14.13 -11.70
CA ARG B 67 0.35 -14.63 -11.15
C ARG B 67 -0.26 -15.74 -12.01
N ASN B 68 0.25 -15.88 -13.23
CA ASN B 68 -0.23 -16.89 -14.18
C ASN B 68 0.48 -18.26 -14.01
N LEU B 69 1.60 -18.28 -13.28
CA LEU B 69 2.22 -19.54 -12.89
C LEU B 69 1.32 -20.15 -11.84
N HIS B 70 1.36 -21.47 -11.71
CA HIS B 70 0.65 -22.18 -10.67
C HIS B 70 1.03 -21.65 -9.30
N ILE B 71 0.06 -21.58 -8.37
CA ILE B 71 0.33 -20.97 -7.03
C ILE B 71 1.51 -21.68 -6.30
N ASP B 72 1.59 -23.01 -6.40
CA ASP B 72 2.74 -23.78 -5.87
C ASP B 72 4.07 -23.34 -6.49
N ASP B 73 4.09 -23.07 -7.79
CA ASP B 73 5.31 -22.55 -8.45
C ASP B 73 5.72 -21.17 -7.89
N GLN B 74 4.72 -20.32 -7.65
CA GLN B 74 4.96 -18.95 -7.19
C GLN B 74 5.62 -18.95 -5.81
N ILE B 75 5.08 -19.80 -4.95
CA ILE B 75 5.55 -19.95 -3.58
C ILE B 75 6.96 -20.51 -3.57
N THR B 76 7.21 -21.51 -4.42
CA THR B 76 8.52 -22.13 -4.52
C THR B 76 9.57 -21.14 -4.97
N LEU B 77 9.27 -20.42 -6.04
CA LEU B 77 10.19 -19.43 -6.59
C LEU B 77 10.48 -18.30 -5.58
N ILE B 78 9.48 -17.83 -4.85
CA ILE B 78 9.71 -16.79 -3.85
C ILE B 78 10.64 -17.35 -2.76
N GLN B 79 10.42 -18.60 -2.37
CA GLN B 79 11.21 -19.22 -1.30
C GLN B 79 12.66 -19.52 -1.69
N TYR B 80 12.86 -20.02 -2.89
CA TYR B 80 14.20 -20.31 -3.39
C TYR B 80 15.02 -19.02 -3.61
N SER B 81 14.39 -18.00 -4.16
CA SER B 81 15.10 -16.78 -4.55
C SER B 81 15.24 -15.76 -3.42
N TRP B 82 14.51 -15.95 -2.31
CA TRP B 82 14.49 -14.99 -1.20
C TRP B 82 15.83 -14.42 -0.83
N MET B 83 16.77 -15.27 -0.46
CA MET B 83 18.11 -14.80 -0.13
C MET B 83 18.71 -13.94 -1.26
N SER B 84 18.64 -14.44 -2.49
CA SER B 84 19.14 -13.70 -3.67
C SER B 84 18.54 -12.29 -3.75
N LEU B 85 17.20 -12.20 -3.64
CA LEU B 85 16.55 -10.92 -3.74
C LEU B 85 16.99 -9.93 -2.64
N MET B 86 17.16 -10.42 -1.41
CA MET B 86 17.50 -9.59 -0.25
C MET B 86 18.88 -8.96 -0.40
N VAL B 87 19.85 -9.75 -0.85
CA VAL B 87 21.24 -9.29 -0.98
C VAL B 87 21.46 -8.40 -2.23
N PHE B 88 20.71 -8.70 -3.28
CA PHE B 88 20.63 -7.84 -4.46
C PHE B 88 19.96 -6.51 -4.10
N GLY B 89 18.91 -6.53 -3.29
CA GLY B 89 18.26 -5.31 -2.85
C GLY B 89 19.21 -4.46 -2.02
N LEU B 90 19.84 -5.09 -1.03
CA LEU B 90 20.88 -4.48 -0.21
C LEU B 90 21.95 -3.79 -1.07
N GLY B 91 22.48 -4.52 -2.04
CA GLY B 91 23.50 -3.99 -2.90
C GLY B 91 23.02 -2.71 -3.57
N TRP B 92 21.77 -2.75 -4.08
CA TRP B 92 21.22 -1.63 -4.80
C TRP B 92 21.00 -0.43 -3.91
N ARG B 93 20.43 -0.64 -2.73
CA ARG B 93 20.25 0.44 -1.78
C ARG B 93 21.55 1.09 -1.38
N SER B 94 22.57 0.26 -1.15
CA SER B 94 23.86 0.75 -0.69
C SER B 94 24.51 1.60 -1.76
N TYR B 95 24.40 1.14 -2.99
CA TYR B 95 24.89 1.84 -4.19
C TYR B 95 24.26 3.23 -4.31
N LYS B 96 22.93 3.25 -4.22
CA LYS B 96 22.13 4.44 -4.46
C LYS B 96 22.13 5.49 -3.32
N HIS B 97 22.17 5.05 -2.07
CA HIS B 97 22.02 5.95 -0.91
C HIS B 97 23.32 6.33 -0.26
N VAL B 98 24.32 5.47 -0.35
CA VAL B 98 25.58 5.71 0.34
C VAL B 98 26.80 5.46 -0.59
N SER B 99 26.58 5.58 -1.91
CA SER B 99 27.67 5.46 -2.89
C SER B 99 28.35 4.09 -2.81
N GLY B 100 27.63 3.08 -2.30
CA GLY B 100 28.15 1.74 -2.16
C GLY B 100 29.11 1.52 -0.99
N GLN B 101 29.38 2.57 -0.20
CA GLN B 101 30.42 2.51 0.85
C GLN B 101 29.94 2.22 2.29
N MET B 102 28.67 1.86 2.44
CA MET B 102 28.15 1.29 3.68
C MET B 102 27.15 0.22 3.24
N LEU B 103 26.78 -0.68 4.15
CA LEU B 103 25.71 -1.64 3.88
C LEU B 103 24.41 -1.01 4.37
N TYR B 104 23.55 -0.64 3.42
CA TYR B 104 22.31 0.06 3.70
C TYR B 104 21.19 -0.98 3.75
N PHE B 105 21.12 -1.71 4.85
CA PHE B 105 20.02 -2.65 5.09
C PHE B 105 18.69 -1.94 5.13
N ALA B 106 18.66 -0.84 5.86
CA ALA B 106 17.49 0.01 5.94
C ALA B 106 17.96 1.43 6.27
N PRO B 107 17.04 2.41 6.24
CA PRO B 107 17.39 3.76 6.72
C PRO B 107 17.79 3.81 8.20
N ASP B 108 17.24 2.92 9.01
CA ASP B 108 17.57 2.86 10.43
C ASP B 108 18.52 1.69 10.75
N LEU B 109 19.12 1.07 9.72
CA LEU B 109 20.12 0.01 9.92
C LEU B 109 21.17 0.08 8.81
N ILE B 110 22.15 0.96 9.01
CA ILE B 110 23.23 1.21 8.05
C ILE B 110 24.56 0.84 8.72
N LEU B 111 25.26 -0.12 8.15
CA LEU B 111 26.53 -0.54 8.68
C LEU B 111 27.67 0.05 7.85
N ASN B 112 28.39 1.04 8.40
CA ASN B 112 29.66 1.45 7.81
C ASN B 112 30.73 0.40 8.14
N GLU B 113 31.89 0.50 7.52
CA GLU B 113 32.89 -0.55 7.69
C GLU B 113 33.30 -0.78 9.15
N GLN B 114 33.50 0.28 9.91
CA GLN B 114 33.88 0.15 11.32
C GLN B 114 32.85 -0.65 12.11
N ARG B 115 31.57 -0.39 11.85
CA ARG B 115 30.52 -1.13 12.51
C ARG B 115 30.44 -2.59 12.00
N MET B 116 30.82 -2.81 10.73
CA MET B 116 30.97 -4.15 10.16
C MET B 116 32.05 -4.93 10.90
N LYS B 117 33.21 -4.28 11.07
CA LYS B 117 34.35 -4.85 11.76
C LYS B 117 34.00 -5.30 13.18
N GLU B 118 33.19 -4.49 13.85
CA GLU B 118 32.84 -4.69 15.26
C GLU B 118 31.77 -5.76 15.45
N SER B 119 31.07 -6.11 14.39
CA SER B 119 30.12 -7.24 14.45
C SER B 119 30.89 -8.56 14.53
N SER B 120 30.16 -9.64 14.74
CA SER B 120 30.75 -10.97 14.76
C SER B 120 30.74 -11.65 13.38
N PHE B 121 30.40 -10.92 12.31
CA PHE B 121 30.32 -11.53 10.97
C PHE B 121 30.89 -10.62 9.90
N TYR B 122 31.99 -9.95 10.23
CA TYR B 122 32.70 -9.03 9.33
C TYR B 122 33.01 -9.61 7.95
N SER B 123 33.44 -10.87 7.90
CA SER B 123 33.87 -11.46 6.63
C SER B 123 32.64 -11.68 5.75
N LEU B 124 31.50 -11.95 6.38
CA LEU B 124 30.25 -12.04 5.63
C LEU B 124 29.70 -10.66 5.24
N CYS B 125 29.91 -9.66 6.09
CA CYS B 125 29.63 -8.27 5.70
C CYS B 125 30.44 -7.93 4.44
N LEU B 126 31.74 -8.20 4.48
CA LEU B 126 32.61 -8.02 3.32
C LEU B 126 32.12 -8.74 2.06
N THR B 127 31.65 -9.97 2.23
CA THR B 127 31.06 -10.73 1.12
C THR B 127 29.82 -10.06 0.56
N MET B 128 28.93 -9.57 1.43
CA MET B 128 27.73 -8.88 0.98
C MET B 128 28.05 -7.54 0.31
N TRP B 129 29.14 -6.92 0.75
CA TRP B 129 29.60 -5.60 0.34
C TRP B 129 30.19 -5.63 -1.04
N GLN B 130 30.56 -6.83 -1.51
CA GLN B 130 30.96 -7.04 -2.90
C GLN B 130 29.90 -6.56 -3.89
N ILE B 131 28.62 -6.85 -3.63
CA ILE B 131 27.58 -6.59 -4.61
C ILE B 131 27.56 -5.09 -4.97
N PRO B 132 27.43 -4.19 -3.97
CA PRO B 132 27.43 -2.74 -4.26
C PRO B 132 28.67 -2.28 -5.02
N GLN B 133 29.83 -2.86 -4.72
CA GLN B 133 31.05 -2.49 -5.44
C GLN B 133 31.00 -2.85 -6.95
N GLU B 134 30.36 -3.97 -7.28
CA GLU B 134 30.18 -4.36 -8.69
C GLU B 134 29.20 -3.41 -9.37
N PHE B 135 28.21 -2.96 -8.61
CA PHE B 135 27.22 -2.00 -9.12
C PHE B 135 27.91 -0.69 -9.46
N VAL B 136 28.68 -0.18 -8.50
CA VAL B 136 29.55 0.96 -8.74
C VAL B 136 30.42 0.74 -9.97
N LYS B 137 31.03 -0.45 -10.04
CA LYS B 137 32.02 -0.73 -11.10
C LYS B 137 31.33 -0.80 -12.47
N LEU B 138 30.20 -1.51 -12.55
CA LEU B 138 29.49 -1.66 -13.83
C LEU B 138 28.53 -0.49 -14.13
N GLN B 139 28.36 0.42 -13.16
CA GLN B 139 27.44 1.54 -13.33
C GLN B 139 26.07 0.99 -13.78
N VAL B 140 25.52 0.06 -13.02
CA VAL B 140 24.23 -0.59 -13.33
C VAL B 140 23.05 0.40 -13.21
N SER B 141 22.21 0.46 -14.24
CA SER B 141 21.12 1.45 -14.30
C SER B 141 19.95 0.89 -13.54
N GLN B 142 19.04 1.76 -13.16
CA GLN B 142 17.82 1.32 -12.50
C GLN B 142 17.04 0.33 -13.39
N GLU B 143 17.05 0.55 -14.70
CA GLU B 143 16.34 -0.30 -15.64
C GLU B 143 16.96 -1.69 -15.73
N GLU B 144 18.30 -1.75 -15.77
CA GLU B 144 18.97 -3.05 -15.66
C GLU B 144 18.63 -3.76 -14.32
N PHE B 145 18.70 -3.00 -13.22
CA PHE B 145 18.49 -3.55 -11.88
C PHE B 145 17.13 -4.18 -11.80
N LEU B 146 16.12 -3.47 -12.27
CA LEU B 146 14.74 -3.94 -12.16
C LEU B 146 14.50 -5.24 -12.93
N CYS B 147 15.12 -5.37 -14.08
CA CYS B 147 14.93 -6.58 -14.89
C CYS B 147 15.70 -7.75 -14.30
N MET B 148 16.93 -7.46 -13.87
CA MET B 148 17.81 -8.45 -13.24
C MET B 148 17.16 -9.03 -12.00
N LYS B 149 16.51 -8.17 -11.23
CA LYS B 149 15.80 -8.59 -10.04
C LYS B 149 14.69 -9.59 -10.35
N VAL B 150 13.96 -9.36 -11.44
CA VAL B 150 12.98 -10.35 -11.89
C VAL B 150 13.69 -11.64 -12.26
N LEU B 151 14.81 -11.53 -12.94
CA LEU B 151 15.52 -12.74 -13.33
C LEU B 151 15.98 -13.54 -12.12
N LEU B 152 16.32 -12.86 -11.01
CA LEU B 152 16.74 -13.59 -9.79
C LEU B 152 15.57 -14.38 -9.18
N LEU B 153 14.40 -13.78 -9.17
CA LEU B 153 13.17 -14.46 -8.74
C LEU B 153 12.93 -15.73 -9.60
N LEU B 154 13.39 -15.73 -10.84
CA LEU B 154 13.16 -16.85 -11.74
C LEU B 154 14.44 -17.69 -11.96
N ASN B 155 15.38 -17.67 -11.02
CA ASN B 155 16.72 -18.20 -11.33
C ASN B 155 16.99 -19.61 -10.76
N THR B 156 16.12 -20.10 -9.88
CA THR B 156 16.26 -21.47 -9.38
C THR B 156 14.93 -22.20 -9.46
N ILE B 157 14.95 -23.42 -9.99
CA ILE B 157 13.77 -24.26 -10.03
C ILE B 157 14.03 -25.65 -9.43
N PRO B 158 12.95 -26.38 -9.09
CA PRO B 158 13.15 -27.73 -8.57
C PRO B 158 13.78 -28.62 -9.59
N LEU B 159 14.49 -29.66 -9.13
CA LEU B 159 15.10 -30.60 -10.05
C LEU B 159 14.08 -31.16 -11.02
N GLU B 160 12.85 -31.41 -10.55
CA GLU B 160 11.77 -31.94 -11.41
C GLU B 160 11.14 -30.87 -12.30
N GLY B 161 11.50 -29.62 -12.13
CA GLY B 161 10.85 -28.52 -12.82
C GLY B 161 9.59 -28.06 -12.11
N LEU B 162 8.91 -27.10 -12.72
CA LEU B 162 7.74 -26.48 -12.15
C LEU B 162 6.48 -27.12 -12.74
N ARG B 163 5.37 -26.94 -12.06
CA ARG B 163 4.06 -27.34 -12.60
C ARG B 163 3.73 -26.63 -13.92
N SER B 164 3.94 -25.31 -13.94
CA SER B 164 3.70 -24.43 -15.09
C SER B 164 5.01 -24.11 -15.83
N GLN B 165 5.75 -25.14 -16.20
CA GLN B 165 7.09 -24.98 -16.79
C GLN B 165 7.10 -24.16 -18.08
N THR B 166 6.15 -24.41 -18.97
CA THR B 166 6.09 -23.71 -20.25
C THR B 166 5.87 -22.22 -20.00
N GLN B 167 4.86 -21.88 -19.20
CA GLN B 167 4.62 -20.48 -18.83
C GLN B 167 5.82 -19.88 -18.12
N PHE B 168 6.51 -20.68 -17.32
CA PHE B 168 7.69 -20.16 -16.65
C PHE B 168 8.75 -19.80 -17.65
N GLU B 169 9.05 -20.71 -18.58
CA GLU B 169 10.11 -20.43 -19.56
C GLU B 169 9.79 -19.19 -20.37
N GLU B 170 8.52 -19.02 -20.74
CA GLU B 170 8.08 -17.86 -21.51
C GLU B 170 8.17 -16.55 -20.69
N MET B 171 7.82 -16.59 -19.41
CA MET B 171 8.02 -15.45 -18.53
C MET B 171 9.49 -15.14 -18.37
N ARG B 172 10.29 -16.17 -18.11
CA ARG B 172 11.73 -15.99 -17.92
C ARG B 172 12.37 -15.39 -19.19
N SER B 173 12.05 -15.96 -20.34
CA SER B 173 12.57 -15.49 -21.63
C SER B 173 12.16 -14.03 -21.93
N SER B 174 10.91 -13.72 -21.65
CA SER B 174 10.38 -12.35 -21.74
C SER B 174 11.21 -11.33 -20.96
N TYR B 175 11.56 -11.61 -19.71
CA TYR B 175 12.39 -10.68 -18.92
C TYR B 175 13.86 -10.62 -19.34
N ILE B 176 14.40 -11.73 -19.85
CA ILE B 176 15.75 -11.70 -20.45
C ILE B 176 15.70 -10.74 -21.62
N ARG B 177 14.72 -10.91 -22.50
CA ARG B 177 14.52 -9.93 -23.61
C ARG B 177 14.36 -8.49 -23.09
N GLU B 178 13.73 -8.32 -21.93
CA GLU B 178 13.53 -6.98 -21.38
C GLU B 178 14.83 -6.44 -20.82
N LEU B 179 15.66 -7.32 -20.27
CA LEU B 179 17.00 -6.95 -19.86
C LEU B 179 17.82 -6.40 -21.04
N ILE B 180 17.74 -7.09 -22.18
CA ILE B 180 18.42 -6.68 -23.41
C ILE B 180 17.99 -5.27 -23.87
N LYS B 181 16.69 -5.01 -23.81
CA LYS B 181 16.15 -3.67 -24.06
C LYS B 181 16.68 -2.65 -23.04
N ALA B 182 16.64 -3.01 -21.75
CA ALA B 182 17.21 -2.17 -20.68
C ALA B 182 18.64 -1.76 -21.00
N ILE B 183 19.43 -2.73 -21.43
CA ILE B 183 20.81 -2.49 -21.86
C ILE B 183 20.88 -1.55 -23.08
N GLY B 184 19.97 -1.73 -24.04
CA GLY B 184 19.94 -0.89 -25.25
C GLY B 184 19.80 0.61 -24.98
N LEU B 185 19.16 0.96 -23.86
CA LEU B 185 18.91 2.37 -23.51
C LEU B 185 20.16 3.22 -23.40
N ARG B 186 21.29 2.63 -23.02
CA ARG B 186 22.52 3.40 -22.85
C ARG B 186 23.61 2.90 -23.78
N GLN B 187 23.97 1.62 -23.65
CA GLN B 187 25.02 1.02 -24.48
C GLN B 187 24.53 0.92 -25.92
N LYS B 188 25.02 1.82 -26.76
CA LYS B 188 24.74 1.78 -28.18
C LYS B 188 25.90 1.01 -28.83
N GLY B 189 25.57 0.08 -29.71
CA GLY B 189 26.59 -0.71 -30.39
C GLY B 189 26.40 -2.18 -30.09
N VAL B 190 26.43 -2.99 -31.13
CA VAL B 190 26.20 -4.43 -31.02
C VAL B 190 27.26 -5.15 -30.15
N VAL B 191 28.56 -4.86 -30.35
CA VAL B 191 29.63 -5.49 -29.56
C VAL B 191 29.52 -5.13 -28.06
N SER B 192 29.26 -3.86 -27.76
CA SER B 192 29.21 -3.37 -26.38
C SER B 192 27.91 -3.70 -25.66
N SER B 193 26.83 -3.91 -26.41
CA SER B 193 25.58 -4.36 -25.85
C SER B 193 25.61 -5.85 -25.50
N SER B 194 26.22 -6.66 -26.36
CA SER B 194 26.30 -8.10 -26.08
C SER B 194 27.30 -8.40 -24.96
N GLN B 195 28.42 -7.65 -24.91
CA GLN B 195 29.35 -7.79 -23.78
C GLN B 195 28.71 -7.39 -22.45
N ARG B 196 27.93 -6.31 -22.47
CA ARG B 196 27.19 -5.86 -21.30
C ARG B 196 26.21 -6.93 -20.83
N PHE B 197 25.51 -7.55 -21.77
CA PHE B 197 24.61 -8.67 -21.46
C PHE B 197 25.35 -9.82 -20.77
N TYR B 198 26.53 -10.17 -21.28
CA TYR B 198 27.35 -11.18 -20.62
C TYR B 198 27.67 -10.79 -19.17
N GLN B 199 28.07 -9.54 -18.96
CA GLN B 199 28.53 -9.07 -17.64
C GLN B 199 27.42 -9.07 -16.62
N LEU B 200 26.27 -8.57 -17.02
CA LEU B 200 25.19 -8.47 -16.05
C LEU B 200 24.74 -9.88 -15.72
N THR B 201 24.63 -10.75 -16.72
CA THR B 201 24.18 -12.12 -16.47
C THR B 201 25.27 -12.93 -15.77
N LYS B 202 26.54 -12.59 -15.99
CA LYS B 202 27.61 -13.24 -15.21
C LYS B 202 27.51 -12.87 -13.73
N LEU B 203 27.26 -11.58 -13.45
CA LEU B 203 27.05 -11.10 -12.09
C LEU B 203 25.91 -11.88 -11.43
N LEU B 204 24.85 -12.17 -12.18
CA LEU B 204 23.72 -12.95 -11.64
C LEU B 204 24.13 -14.43 -11.39
N ASP B 205 24.94 -15.02 -12.27
CA ASP B 205 25.45 -16.37 -12.08
C ASP B 205 26.31 -16.41 -10.82
N ASN B 206 27.27 -15.48 -10.74
CA ASN B 206 28.16 -15.36 -9.59
C ASN B 206 27.46 -15.17 -8.26
N LEU B 207 26.21 -14.76 -8.29
CA LEU B 207 25.44 -14.58 -7.06
C LEU B 207 25.14 -15.91 -6.39
N HIS B 208 24.88 -16.94 -7.19
CA HIS B 208 24.62 -18.29 -6.66
C HIS B 208 25.58 -18.71 -5.58
N ASP B 209 26.87 -18.45 -5.79
CA ASP B 209 27.94 -18.88 -4.87
C ASP B 209 27.96 -18.10 -3.57
N LEU B 210 27.78 -16.79 -3.68
CA LEU B 210 27.64 -15.90 -2.52
C LEU B 210 26.42 -16.23 -1.66
N VAL B 211 25.30 -16.43 -2.32
CA VAL B 211 24.07 -16.87 -1.64
C VAL B 211 24.21 -18.20 -0.87
N LYS B 212 25.00 -19.14 -1.40
CA LYS B 212 25.23 -20.41 -0.71
C LYS B 212 25.93 -20.21 0.63
N GLN B 213 26.93 -19.32 0.67
CA GLN B 213 27.56 -18.95 1.94
C GLN B 213 26.55 -18.42 2.99
N LEU B 214 25.62 -17.58 2.56
CA LEU B 214 24.61 -17.00 3.46
C LEU B 214 23.52 -17.99 3.83
N HIS B 215 23.18 -18.88 2.90
CA HIS B 215 22.27 -19.99 3.19
C HIS B 215 22.81 -20.81 4.35
N LEU B 216 24.11 -21.14 4.33
CA LEU B 216 24.75 -21.96 5.38
C LEU B 216 24.83 -21.23 6.72
N TYR B 217 25.32 -20.00 6.70
CA TYR B 217 25.36 -19.19 7.92
C TYR B 217 23.95 -19.08 8.53
N CYS B 218 22.96 -18.86 7.67
CA CYS B 218 21.59 -18.72 8.15
C CYS B 218 21.07 -20.02 8.82
N LEU B 219 21.20 -21.15 8.12
CA LEU B 219 20.77 -22.42 8.67
C LEU B 219 21.52 -22.76 9.98
N ASN B 220 22.83 -22.55 10.03
CA ASN B 220 23.57 -22.80 11.28
C ASN B 220 23.03 -21.95 12.40
N THR B 221 22.77 -20.68 12.11
CA THR B 221 22.31 -19.75 13.13
C THR B 221 20.90 -20.12 13.57
N PHE B 222 20.11 -20.63 12.64
CA PHE B 222 18.74 -21.06 12.94
C PHE B 222 18.77 -22.26 13.89
N ILE B 223 19.58 -23.25 13.57
CA ILE B 223 19.77 -24.44 14.41
C ILE B 223 20.25 -24.06 15.82
N GLN B 224 21.10 -23.05 15.91
CA GLN B 224 21.62 -22.60 17.21
C GLN B 224 20.93 -21.37 17.79
N SER B 225 19.71 -21.07 17.33
CA SER B 225 19.06 -19.79 17.63
C SER B 225 18.80 -19.51 19.10
N ARG B 226 18.42 -20.53 19.85
CA ARG B 226 18.18 -20.37 21.29
C ARG B 226 19.48 -20.09 22.07
N ALA B 227 20.51 -20.90 21.81
CA ALA B 227 21.81 -20.70 22.43
C ALA B 227 22.35 -19.31 22.09
N LEU B 228 22.19 -18.89 20.84
CA LEU B 228 22.76 -17.62 20.37
C LEU B 228 21.86 -16.40 20.61
N SER B 229 20.62 -16.63 21.05
CA SER B 229 19.65 -15.56 21.30
C SER B 229 19.33 -14.75 20.05
N VAL B 230 19.25 -15.44 18.91
CA VAL B 230 18.84 -14.82 17.64
C VAL B 230 17.40 -15.27 17.36
N GLU B 231 16.48 -14.32 17.23
CA GLU B 231 15.08 -14.63 16.97
C GLU B 231 14.82 -14.70 15.47
N PHE B 232 14.07 -15.73 15.08
CA PHE B 232 13.58 -15.91 13.74
C PHE B 232 12.07 -15.81 13.79
N PRO B 233 11.47 -14.87 13.02
CA PRO B 233 10.01 -14.79 12.99
C PRO B 233 9.38 -15.97 12.24
N GLU B 234 8.09 -16.13 12.45
CA GLU B 234 7.26 -17.21 11.91
C GLU B 234 7.48 -17.59 10.45
N MET B 235 7.23 -16.69 9.50
CA MET B 235 7.31 -17.06 8.08
C MET B 235 8.71 -17.54 7.82
N MET B 236 9.67 -16.80 8.37
CA MET B 236 11.09 -17.05 8.12
C MET B 236 11.46 -18.46 8.58
N SER B 237 11.04 -18.80 9.79
CA SER B 237 11.34 -20.10 10.34
C SER B 237 10.73 -21.23 9.51
N GLU B 238 9.55 -21.00 8.95
CA GLU B 238 8.89 -22.05 8.19
C GLU B 238 9.57 -22.30 6.86
N VAL B 239 10.03 -21.22 6.23
CA VAL B 239 10.71 -21.34 4.97
C VAL B 239 12.10 -21.98 5.17
N ILE B 240 12.85 -21.52 6.15
CA ILE B 240 14.16 -22.12 6.46
C ILE B 240 14.01 -23.63 6.70
N ALA B 241 13.07 -23.98 7.57
CA ALA B 241 12.78 -25.37 7.88
C ALA B 241 12.49 -26.18 6.63
N ALA B 242 11.55 -25.71 5.83
CA ALA B 242 11.10 -26.45 4.65
C ALA B 242 12.20 -26.56 3.61
N GLN B 243 12.90 -25.45 3.34
CA GLN B 243 13.65 -25.30 2.09
C GLN B 243 15.16 -25.28 2.17
N LEU B 244 15.74 -24.78 3.26
CA LEU B 244 17.20 -24.56 3.27
C LEU B 244 18.06 -25.82 3.17
N PRO B 245 17.71 -26.88 3.92
CA PRO B 245 18.47 -28.12 3.73
C PRO B 245 18.42 -28.63 2.28
N LYS B 246 17.23 -28.64 1.68
CA LYS B 246 17.07 -29.06 0.27
C LYS B 246 17.97 -28.22 -0.66
N ILE B 247 17.91 -26.90 -0.50
CA ILE B 247 18.70 -25.98 -1.34
C ILE B 247 20.20 -26.17 -1.10
N LEU B 248 20.59 -26.23 0.16
CA LEU B 248 22.02 -26.40 0.49
C LEU B 248 22.58 -27.71 -0.07
N ALA B 249 21.76 -28.75 -0.06
CA ALA B 249 22.16 -30.06 -0.56
C ALA B 249 22.29 -30.08 -2.09
N GLY B 250 21.97 -28.97 -2.75
CA GLY B 250 21.94 -28.93 -4.20
C GLY B 250 20.79 -29.70 -4.85
N MET B 251 19.68 -29.90 -4.14
CA MET B 251 18.53 -30.61 -4.71
C MET B 251 17.52 -29.63 -5.31
N VAL B 252 18.06 -28.62 -5.98
CA VAL B 252 17.32 -27.67 -6.78
C VAL B 252 18.17 -27.47 -8.03
N LYS B 253 17.61 -26.80 -9.04
CA LYS B 253 18.34 -26.54 -10.28
C LYS B 253 18.54 -25.05 -10.41
N PRO B 254 19.74 -24.56 -10.09
CA PRO B 254 19.98 -23.16 -10.40
C PRO B 254 20.05 -23.03 -11.89
N LEU B 255 19.55 -21.92 -12.42
CA LEU B 255 19.57 -21.64 -13.87
C LEU B 255 20.74 -20.70 -14.14
N LEU B 256 21.71 -21.19 -14.89
CA LEU B 256 22.91 -20.45 -15.19
C LEU B 256 22.77 -19.85 -16.58
N PHE B 257 23.27 -18.64 -16.77
CA PHE B 257 23.29 -18.06 -18.12
C PHE B 257 24.50 -18.58 -18.93
N HIS B 258 25.53 -19.10 -18.25
CA HIS B 258 26.76 -19.64 -18.88
C HIS B 258 27.22 -20.97 -18.30
N LYS B 259 28.11 -21.68 -19.01
CA LYS B 259 28.64 -22.97 -18.53
C LYS B 259 29.61 -22.79 -17.35
CL OR8 C . -4.13 9.52 2.62
C18 OR8 C . -5.66 9.04 3.52
N19 OR8 C . -6.69 8.32 3.13
C26 OR8 C . -7.07 7.60 1.89
N20 OR8 C . -7.63 8.24 4.18
C21 OR8 C . -7.16 8.94 5.24
C24 OR8 C . -7.88 9.08 6.55
C15 OR8 C . -5.92 9.46 4.88
S14 OR8 C . -4.88 10.40 5.79
O16 OR8 C . -5.14 9.88 7.08
O17 OR8 C . -3.48 10.23 5.55
N13 OR8 C . -5.18 11.98 5.61
C12 OR8 C . -6.51 12.62 5.52
C5 OR8 C . -7.36 12.16 4.35
C6 OR8 C . -6.85 11.97 3.07
C1 OR8 C . -7.66 11.54 2.03
C4 OR8 C . -8.72 11.91 4.59
C3 OR8 C . -9.51 11.46 3.57
C2 OR8 C . -8.99 11.26 2.30
C7 OR8 C . -9.94 10.81 1.29
C11 OR8 C . -10.81 9.64 1.46
C22 OR8 C . -10.98 8.63 2.56
O10 OR8 C . -11.55 9.63 0.34
N9 OR8 C . -11.24 10.63 -0.53
C8 OR8 C . -10.25 11.37 0.05
C23 OR8 C . -9.59 12.60 -0.53
S SO4 D . -33.12 26.70 3.37
O1 SO4 D . -32.86 27.43 4.62
O2 SO4 D . -33.57 27.65 2.36
O3 SO4 D . -34.17 25.70 3.58
O4 SO4 D . -31.89 26.10 2.92
O33 A2K E . 18.15 -5.89 3.72
C1 A2K E . 18.33 -7.05 4.12
C4 A2K E . 19.35 -7.89 3.49
C20 A2K E . 19.58 -9.14 3.89
C6 A2K E . 20.65 -9.84 3.10
C19 A2K E . 18.90 -9.76 4.88
C5 A2K E . 17.58 -9.14 5.31
C3 A2K E . 17.55 -7.62 5.28
C8 A2K E . 19.33 -10.93 5.42
C11 A2K E . 18.58 -11.73 6.48
C10 A2K E . 19.58 -12.15 7.59
C12 A2K E . 20.83 -12.87 7.06
C16 A2K E . 20.56 -14.21 6.36
C13 A2K E . 21.51 -11.91 6.13
C14 A2K E . 22.86 -12.56 5.85
C9 A2K E . 20.65 -11.53 4.93
C7 A2K E . 21.50 -10.57 4.09
C15 A2K E . 21.94 -13.10 8.07
C22 A2K E . 21.73 -14.36 8.87
O24 A2K E . 22.28 -15.41 8.60
C23 A2K E . 20.76 -14.30 9.99
C31 A2K E . 19.98 -15.59 10.21
C30 A2K E . 21.07 -15.19 11.19
C2 A2K E . 23.22 -13.14 7.22
C39 A2K E . 24.30 -12.32 7.87
C40 A2K E . 25.53 -12.77 7.87
C21 A2K E . 17.90 -12.93 5.90
C29 A2K E . 17.56 -14.04 6.69
C28 A2K E . 16.95 -15.17 6.12
C27 A2K E . 16.62 -15.22 4.76
C26 A2K E . 16.93 -14.10 3.98
C25 A2K E . 17.57 -13.00 4.55
C32 A2K E . 16.01 -16.42 4.15
C38 A2K E . 16.26 -16.72 2.81
N37 A2K E . 15.75 -17.78 2.21
C36 A2K E . 14.99 -18.66 2.86
C35 A2K E . 14.70 -18.44 4.19
C34 A2K E . 15.22 -17.31 4.85
#